data_3DEE
#
_entry.id   3DEE
#
_cell.length_a   106.522
_cell.length_b   31.879
_cell.length_c   86.369
_cell.angle_alpha   90.000
_cell.angle_beta   115.800
_cell.angle_gamma   90.000
#
_symmetry.space_group_name_H-M   'C 1 2 1'
#
loop_
_entity.id
_entity.type
_entity.pdbx_description
1 polymer 'Putative regulatory protein'
2 non-polymer 'CHLORIDE ION'
3 non-polymer IMIDAZOLE
4 water water
#
_entity_poly.entity_id   1
_entity_poly.type   'polypeptide(L)'
_entity_poly.pdbx_seq_one_letter_code
;GMQPETSAQYQHRFSQAIRGGEAADGLPQDRLNVYIRLIRNNIHSFIDRCYTETRQYFDSKEWSRLKEGFVRDARAQTPY
FQEIPGEFLQYCQSLPLSDGILAL(MSE)DFEYTQLLAEVAQIPDIPDIHYSNDSKYTPSPAAFIRQYRYDVTHDLQEAE
TALLIWRNAEDDV(MSE)YQTLDGFD(MSE)(MSE)LLEI(MSE)GSSALSFDTLAQTLVEF(MSE)PKADNWKNILLGK
WSGWIEQRIIIPSLSAISEN(MSE)EGNSPSQNHLSA
;
_entity_poly.pdbx_strand_id   A
#
# COMPACT_ATOMS: atom_id res chain seq x y z
N LEU A 32 -8.17 -28.56 23.11
CA LEU A 32 -7.77 -27.15 22.86
C LEU A 32 -6.83 -26.64 24.00
N ASN A 33 -5.53 -26.85 23.81
CA ASN A 33 -4.53 -26.50 24.83
C ASN A 33 -4.28 -24.99 25.11
N VAL A 34 -3.49 -24.71 26.13
CA VAL A 34 -3.22 -23.32 26.55
C VAL A 34 -2.49 -22.50 25.46
N TYR A 35 -1.69 -23.17 24.63
CA TYR A 35 -0.97 -22.56 23.52
C TYR A 35 -1.92 -22.14 22.39
N ILE A 36 -2.87 -23.01 22.04
CA ILE A 36 -3.87 -22.73 21.00
C ILE A 36 -4.75 -21.55 21.43
N ARG A 37 -5.06 -21.47 22.72
CA ARG A 37 -5.87 -20.37 23.26
C ARG A 37 -5.08 -19.06 23.22
N LEU A 38 -3.79 -19.12 23.55
CA LEU A 38 -2.93 -17.95 23.49
C LEU A 38 -2.85 -17.40 22.05
N ILE A 39 -2.53 -18.25 21.08
CA ILE A 39 -2.41 -17.79 19.68
C ILE A 39 -3.72 -17.31 19.09
N ARG A 40 -4.85 -17.89 19.51
CA ARG A 40 -6.15 -17.39 19.06
C ARG A 40 -6.42 -16.00 19.62
N ASN A 41 -6.06 -15.73 20.87
CA ASN A 41 -6.19 -14.36 21.41
C ASN A 41 -5.26 -13.35 20.72
N ASN A 42 -4.07 -13.79 20.32
CA ASN A 42 -3.12 -12.94 19.60
C ASN A 42 -3.61 -12.67 18.19
N ILE A 43 -4.37 -13.61 17.62
CA ILE A 43 -4.98 -13.44 16.30
C ILE A 43 -6.09 -12.36 16.35
N HIS A 44 -6.99 -12.50 17.30
CA HIS A 44 -8.06 -11.53 17.54
C HIS A 44 -7.46 -10.12 17.69
N SER A 45 -6.50 -9.99 18.59
CA SER A 45 -5.85 -8.70 18.87
C SER A 45 -5.13 -8.04 17.70
N PHE A 46 -4.50 -8.87 16.86
CA PHE A 46 -3.78 -8.41 15.68
C PHE A 46 -4.75 -7.93 14.58
N ILE A 47 -5.79 -8.72 14.33
CA ILE A 47 -6.87 -8.34 13.43
C ILE A 47 -7.53 -7.01 13.87
N ASP A 48 -7.85 -6.88 15.16
CA ASP A 48 -8.42 -5.61 15.64
C ASP A 48 -7.50 -4.42 15.34
N ARG A 49 -6.20 -4.65 15.46
CA ARG A 49 -5.20 -3.60 15.21
C ARG A 49 -5.03 -3.23 13.73
N CYS A 50 -5.02 -4.24 12.86
CA CYS A 50 -4.84 -4.01 11.43
CA CYS A 50 -4.86 -4.01 11.42
C CYS A 50 -6.11 -3.45 10.75
N TYR A 51 -7.29 -3.86 11.22
CA TYR A 51 -8.54 -3.46 10.58
C TYR A 51 -9.42 -2.57 11.41
N THR A 52 -8.81 -1.48 11.90
CA THR A 52 -9.49 -0.49 12.76
C THR A 52 -10.64 0.29 12.11
N GLU A 53 -10.51 0.62 10.82
CA GLU A 53 -11.60 1.30 10.09
C GLU A 53 -12.71 0.28 9.76
N THR A 54 -12.36 -0.83 9.14
CA THR A 54 -13.34 -1.88 8.80
C THR A 54 -14.18 -2.23 10.03
N ARG A 55 -13.53 -2.44 11.17
CA ARG A 55 -14.18 -2.81 12.43
C ARG A 55 -15.35 -1.90 12.80
N GLN A 56 -15.28 -0.64 12.41
CA GLN A 56 -16.33 0.34 12.68
C GLN A 56 -17.62 0.16 11.88
N TYR A 57 -17.59 -0.66 10.84
CA TYR A 57 -18.80 -0.92 10.04
C TYR A 57 -19.56 -2.10 10.59
N PHE A 58 -19.05 -2.69 11.66
CA PHE A 58 -19.69 -3.82 12.29
C PHE A 58 -20.02 -3.56 13.77
N ASP A 59 -20.91 -4.40 14.26
CA ASP A 59 -21.35 -4.46 15.63
C ASP A 59 -20.29 -5.27 16.41
N SER A 60 -20.31 -5.19 17.74
CA SER A 60 -19.39 -5.97 18.59
C SER A 60 -19.56 -7.46 18.29
N LYS A 61 -20.83 -7.90 18.31
CA LYS A 61 -21.18 -9.32 18.06
C LYS A 61 -20.86 -9.78 16.65
N GLU A 62 -21.15 -8.93 15.66
CA GLU A 62 -20.88 -9.23 14.25
C GLU A 62 -19.38 -9.38 13.99
N TRP A 63 -18.60 -8.44 14.55
CA TRP A 63 -17.16 -8.45 14.42
C TRP A 63 -16.55 -9.71 15.10
N SER A 64 -16.98 -10.02 16.32
CA SER A 64 -16.53 -11.25 17.00
C SER A 64 -16.87 -12.54 16.19
N ARG A 65 -18.08 -12.58 15.60
CA ARG A 65 -18.49 -13.72 14.77
C ARG A 65 -17.56 -13.92 13.59
N LEU A 66 -17.22 -12.85 12.89
CA LEU A 66 -16.26 -12.92 11.77
C LEU A 66 -14.97 -13.58 12.19
N LYS A 67 -14.42 -13.12 13.32
CA LYS A 67 -13.17 -13.61 13.89
C LYS A 67 -13.23 -15.05 14.40
N GLU A 68 -14.34 -15.40 15.04
CA GLU A 68 -14.52 -16.76 15.54
C GLU A 68 -14.55 -17.72 14.36
N GLY A 69 -15.13 -17.29 13.24
CA GLY A 69 -15.16 -18.10 12.03
C GLY A 69 -13.77 -18.24 11.46
N PHE A 70 -13.02 -17.14 11.38
CA PHE A 70 -11.66 -17.22 10.85
C PHE A 70 -10.78 -18.19 11.66
N VAL A 71 -10.81 -18.04 12.98
CA VAL A 71 -10.02 -18.85 13.91
C VAL A 71 -10.26 -20.38 13.82
N ARG A 72 -11.49 -20.72 13.43
CA ARG A 72 -11.93 -22.09 13.25
C ARG A 72 -11.67 -22.55 11.79
N ASP A 73 -11.24 -21.63 10.94
CA ASP A 73 -10.95 -21.94 9.52
C ASP A 73 -9.48 -22.36 9.36
N ALA A 74 -9.21 -23.15 8.32
CA ALA A 74 -7.89 -23.68 7.95
C ALA A 74 -6.84 -22.60 7.67
N ARG A 75 -7.27 -21.41 7.24
CA ARG A 75 -6.34 -20.31 6.97
C ARG A 75 -5.66 -19.77 8.26
N ALA A 76 -6.35 -19.88 9.40
CA ALA A 76 -5.84 -19.43 10.68
C ALA A 76 -4.91 -20.46 11.34
N GLN A 77 -4.57 -21.54 10.63
CA GLN A 77 -3.67 -22.58 11.15
C GLN A 77 -2.22 -22.35 10.73
N THR A 78 -1.96 -21.22 10.10
CA THR A 78 -0.60 -20.87 9.70
C THR A 78 0.35 -20.77 10.90
N PRO A 79 1.57 -21.34 10.77
CA PRO A 79 2.60 -21.20 11.79
C PRO A 79 3.30 -19.82 11.75
N TYR A 80 2.96 -18.98 10.79
CA TYR A 80 3.56 -17.64 10.69
C TYR A 80 2.55 -16.54 11.07
N PHE A 81 2.76 -15.96 12.26
CA PHE A 81 1.91 -14.89 12.78
C PHE A 81 1.77 -13.69 11.82
N GLN A 82 2.81 -13.41 11.02
CA GLN A 82 2.87 -12.29 10.02
C GLN A 82 1.85 -12.41 8.90
N GLU A 83 1.49 -13.66 8.63
CA GLU A 83 0.53 -13.99 7.60
C GLU A 83 -0.93 -13.90 8.04
N ILE A 84 -1.20 -13.62 9.32
CA ILE A 84 -2.58 -13.56 9.83
C ILE A 84 -3.47 -12.46 9.21
N PRO A 85 -3.05 -11.17 9.21
CA PRO A 85 -3.87 -10.13 8.59
C PRO A 85 -4.28 -10.41 7.14
N GLY A 86 -3.35 -10.93 6.34
CA GLY A 86 -3.64 -11.30 4.96
C GLY A 86 -4.54 -12.51 4.79
N GLU A 87 -4.43 -13.48 5.69
CA GLU A 87 -5.28 -14.63 5.62
C GLU A 87 -6.69 -14.27 6.05
N PHE A 88 -6.84 -13.36 7.02
CA PHE A 88 -8.17 -12.91 7.43
C PHE A 88 -8.85 -12.17 6.26
N LEU A 89 -8.09 -11.40 5.48
CA LEU A 89 -8.64 -10.72 4.30
C LEU A 89 -9.15 -11.73 3.27
N GLN A 90 -8.38 -12.79 3.02
CA GLN A 90 -8.81 -13.82 2.09
C GLN A 90 -10.01 -14.61 2.65
N TYR A 91 -10.05 -14.82 3.96
CA TYR A 91 -11.20 -15.47 4.57
C TYR A 91 -12.45 -14.64 4.26
N CYS A 92 -12.36 -13.33 4.52
CA CYS A 92 -13.45 -12.38 4.26
C CYS A 92 -13.89 -12.26 2.80
N GLN A 93 -12.95 -12.40 1.87
CA GLN A 93 -13.26 -12.38 0.44
C GLN A 93 -13.95 -13.65 -0.02
N SER A 94 -13.79 -14.72 0.74
CA SER A 94 -14.42 -15.97 0.37
C SER A 94 -15.82 -16.09 0.97
N LEU A 95 -16.12 -15.33 2.03
CA LEU A 95 -17.44 -15.44 2.71
C LEU A 95 -18.62 -15.25 1.76
N PRO A 96 -18.66 -14.13 1.00
CA PRO A 96 -17.81 -12.94 0.95
C PRO A 96 -18.43 -11.75 1.67
N LEU A 97 -17.62 -10.80 2.15
CA LEU A 97 -18.21 -9.58 2.73
C LEU A 97 -18.58 -8.68 1.54
N SER A 98 -19.26 -7.56 1.77
CA SER A 98 -19.64 -6.68 0.67
C SER A 98 -18.40 -6.21 -0.09
N ASP A 99 -18.59 -5.72 -1.31
CA ASP A 99 -17.45 -5.25 -2.11
C ASP A 99 -16.79 -4.00 -1.51
N GLY A 100 -17.57 -3.15 -0.85
CA GLY A 100 -17.08 -1.94 -0.18
C GLY A 100 -16.22 -2.24 1.03
N ILE A 101 -16.65 -3.18 1.87
CA ILE A 101 -15.86 -3.61 3.01
C ILE A 101 -14.57 -4.29 2.53
N LEU A 102 -14.64 -5.13 1.49
CA LEU A 102 -13.47 -5.85 0.95
C LEU A 102 -12.41 -4.90 0.39
N ALA A 103 -12.84 -3.82 -0.25
CA ALA A 103 -11.92 -2.81 -0.74
C ALA A 103 -11.27 -2.10 0.46
N LEU A 104 -12.07 -1.75 1.45
CA LEU A 104 -11.59 -1.10 2.65
C LEU A 104 -10.62 -1.99 3.41
N ASP A 106 -8.69 -4.29 1.94
CA ASP A 106 -7.45 -4.33 1.17
C ASP A 106 -6.59 -3.03 1.39
N PHE A 107 -7.24 -1.88 1.38
CA PHE A 107 -6.62 -0.58 1.69
C PHE A 107 -5.86 -0.63 3.03
N GLU A 108 -6.55 -1.12 4.07
CA GLU A 108 -5.99 -1.25 5.42
C GLU A 108 -4.81 -2.19 5.45
N TYR A 109 -4.94 -3.34 4.79
CA TYR A 109 -3.83 -4.25 4.72
C TYR A 109 -2.62 -3.61 4.00
N THR A 110 -2.90 -2.85 2.95
CA THR A 110 -1.85 -2.21 2.16
C THR A 110 -1.10 -1.22 3.07
N GLN A 111 -1.78 -0.53 3.99
CA GLN A 111 -1.07 0.36 4.88
C GLN A 111 -0.06 -0.42 5.71
N LEU A 112 -0.47 -1.57 6.24
CA LEU A 112 0.43 -2.39 7.02
C LEU A 112 1.59 -2.88 6.11
N LEU A 113 1.30 -3.20 4.86
CA LEU A 113 2.39 -3.57 3.98
C LEU A 113 3.44 -2.46 3.79
N ALA A 114 2.99 -1.20 3.89
CA ALA A 114 3.88 -0.06 3.70
C ALA A 114 4.62 0.21 5.00
N GLU A 115 3.92 0.01 6.12
CA GLU A 115 4.52 0.14 7.48
C GLU A 115 5.69 -0.82 7.67
N VAL A 116 5.54 -2.01 7.11
CA VAL A 116 6.45 -3.12 7.34
C VAL A 116 7.45 -3.35 6.21
N ALA A 117 7.28 -2.70 5.08
CA ALA A 117 8.18 -2.91 3.95
C ALA A 117 9.63 -2.53 4.27
N GLN A 118 10.56 -3.32 3.75
CA GLN A 118 11.99 -3.08 3.92
C GLN A 118 12.43 -2.24 2.76
N ILE A 119 12.97 -1.06 3.09
CA ILE A 119 13.45 -0.10 2.09
C ILE A 119 14.98 -0.10 2.20
N PRO A 120 15.71 -0.50 1.13
CA PRO A 120 17.17 -0.47 1.20
C PRO A 120 17.78 0.83 1.70
N ASP A 121 18.88 0.70 2.44
CA ASP A 121 19.64 1.85 2.93
C ASP A 121 20.17 2.62 1.70
N ILE A 122 19.99 3.93 1.71
CA ILE A 122 20.45 4.78 0.59
C ILE A 122 21.58 5.68 1.07
N PRO A 123 22.80 5.50 0.53
CA PRO A 123 23.86 6.43 0.92
C PRO A 123 23.46 7.88 0.61
N ASP A 124 23.83 8.75 1.54
CA ASP A 124 23.49 10.15 1.42
C ASP A 124 24.61 10.90 0.68
N ILE A 125 24.59 10.75 -0.65
CA ILE A 125 25.54 11.38 -1.56
C ILE A 125 24.76 12.17 -2.60
N HIS A 126 25.45 12.65 -3.62
CA HIS A 126 24.80 13.39 -4.70
C HIS A 126 24.32 12.44 -5.78
N TYR A 127 23.03 12.52 -6.10
CA TYR A 127 22.47 11.74 -7.20
C TYR A 127 21.98 12.74 -8.24
N SER A 128 22.59 12.75 -9.42
CA SER A 128 22.19 13.68 -10.49
C SER A 128 20.90 13.20 -11.21
N ASN A 129 20.48 13.98 -12.20
CA ASN A 129 19.35 13.62 -13.05
C ASN A 129 19.78 12.65 -14.11
N ASP A 130 21.01 12.17 -14.02
CA ASP A 130 21.47 11.08 -14.87
C ASP A 130 21.35 9.77 -14.07
N SER A 131 21.17 9.88 -12.74
CA SER A 131 21.01 8.70 -11.85
C SER A 131 19.62 8.08 -11.88
N LYS A 132 19.58 6.76 -12.04
CA LYS A 132 18.32 6.03 -12.07
C LYS A 132 17.58 5.89 -10.74
N TYR A 133 16.26 5.93 -10.84
CA TYR A 133 15.35 5.78 -9.70
C TYR A 133 14.41 4.60 -9.95
N THR A 134 13.90 4.08 -8.85
CA THR A 134 12.97 2.95 -8.83
C THR A 134 11.93 3.36 -7.77
N PRO A 135 10.68 2.88 -7.87
CA PRO A 135 9.72 3.25 -6.77
C PRO A 135 10.11 2.55 -5.45
N SER A 136 9.75 3.11 -4.30
CA SER A 136 10.10 2.47 -3.03
CA SER A 136 10.10 2.49 -3.03
C SER A 136 9.42 1.13 -2.92
N PRO A 137 10.12 0.14 -2.33
CA PRO A 137 9.43 -1.12 -2.15
C PRO A 137 8.24 -0.96 -1.20
N ALA A 138 8.17 0.17 -0.48
CA ALA A 138 7.09 0.46 0.43
C ALA A 138 5.96 1.25 -0.22
N ALA A 139 5.98 1.35 -1.56
CA ALA A 139 5.00 2.10 -2.34
C ALA A 139 4.12 1.17 -3.14
N PHE A 140 2.82 1.37 -3.02
CA PHE A 140 1.82 0.52 -3.66
C PHE A 140 0.77 1.33 -4.39
N ILE A 141 0.41 0.84 -5.57
CA ILE A 141 -0.64 1.42 -6.40
C ILE A 141 -1.90 0.58 -6.21
N ARG A 142 -3.00 1.21 -5.77
CA ARG A 142 -4.31 0.54 -5.56
C ARG A 142 -5.47 1.14 -6.37
N GLN A 143 -6.34 0.28 -6.92
CA GLN A 143 -7.56 0.71 -7.68
C GLN A 143 -8.81 0.10 -7.04
N TYR A 144 -9.68 0.94 -6.53
CA TYR A 144 -10.94 0.50 -5.87
C TYR A 144 -12.15 1.12 -6.55
N ARG A 145 -13.26 0.37 -6.55
CA ARG A 145 -14.52 0.85 -7.10
C ARG A 145 -15.29 1.58 -6.00
N TYR A 146 -14.67 1.72 -4.83
CA TYR A 146 -15.29 2.37 -3.68
C TYR A 146 -14.37 3.41 -3.03
N ASP A 147 -14.95 4.42 -2.38
CA ASP A 147 -14.10 5.44 -1.76
C ASP A 147 -13.68 4.95 -0.39
N VAL A 148 -12.57 4.21 -0.38
CA VAL A 148 -12.02 3.61 0.83
C VAL A 148 -11.40 4.65 1.76
N THR A 149 -11.14 5.86 1.27
CA THR A 149 -10.56 6.92 2.11
C THR A 149 -11.61 7.71 2.88
N HIS A 150 -12.88 7.54 2.50
CA HIS A 150 -13.96 8.29 3.12
C HIS A 150 -15.03 7.36 3.68
N ASP A 151 -16.02 6.97 2.88
CA ASP A 151 -17.13 6.17 3.41
C ASP A 151 -17.72 5.13 2.43
N LEU A 152 -16.84 4.55 1.62
CA LEU A 152 -17.17 3.46 0.68
C LEU A 152 -18.17 3.83 -0.39
N GLN A 153 -18.08 5.07 -0.87
CA GLN A 153 -18.92 5.55 -1.98
C GLN A 153 -18.60 4.72 -3.22
N GLU A 154 -19.60 4.28 -3.99
CA GLU A 154 -19.32 3.64 -5.27
C GLU A 154 -18.78 4.76 -6.16
N ALA A 155 -17.48 4.73 -6.39
CA ALA A 155 -16.79 5.73 -7.18
C ALA A 155 -15.38 5.22 -7.42
N GLU A 156 -14.98 5.08 -8.69
CA GLU A 156 -13.62 4.65 -9.05
C GLU A 156 -12.58 5.49 -8.33
N THR A 157 -11.78 4.83 -7.48
CA THR A 157 -10.74 5.51 -6.69
C THR A 157 -9.35 4.91 -6.96
N ALA A 158 -8.38 5.79 -7.20
CA ALA A 158 -7.01 5.40 -7.54
C ALA A 158 -6.08 6.04 -6.51
N LEU A 159 -5.38 5.21 -5.73
CA LEU A 159 -4.52 5.68 -4.63
C LEU A 159 -3.09 5.16 -4.70
N LEU A 160 -2.16 5.93 -4.16
CA LEU A 160 -0.73 5.52 -4.00
C LEU A 160 -0.53 5.47 -2.51
N ILE A 161 -0.18 4.30 -1.98
CA ILE A 161 0.09 4.14 -0.54
C ILE A 161 1.61 3.95 -0.38
N TRP A 162 2.22 4.70 0.52
CA TRP A 162 3.68 4.56 0.73
C TRP A 162 4.15 4.96 2.12
N ARG A 163 5.44 4.78 2.39
CA ARG A 163 6.04 5.22 3.66
C ARG A 163 7.06 6.29 3.33
N ASN A 164 6.97 7.44 4.01
CA ASN A 164 7.84 8.55 3.66
C ASN A 164 9.13 8.59 4.46
N ALA A 165 9.96 9.60 4.22
CA ALA A 165 11.25 9.74 4.90
C ALA A 165 11.17 9.75 6.43
N GLU A 166 10.04 10.20 6.98
CA GLU A 166 9.81 10.19 8.43
C GLU A 166 9.20 8.86 8.94
N ASP A 167 9.21 7.83 8.10
CA ASP A 167 8.64 6.52 8.42
C ASP A 167 7.14 6.53 8.79
N ASP A 168 6.38 7.48 8.21
CA ASP A 168 4.92 7.57 8.40
C ASP A 168 4.22 7.06 7.13
N VAL A 169 3.15 6.27 7.31
CA VAL A 169 2.38 5.76 6.18
C VAL A 169 1.52 6.91 5.63
N TYR A 171 -0.97 8.18 2.05
CA TYR A 171 -1.71 7.77 0.87
C TYR A 171 -2.10 9.06 0.16
N GLN A 172 -2.27 9.00 -1.15
CA GLN A 172 -2.77 10.16 -1.92
C GLN A 172 -3.41 9.71 -3.20
N THR A 173 -4.33 10.53 -3.72
CA THR A 173 -4.97 10.20 -4.99
CA THR A 173 -4.98 10.23 -5.00
C THR A 173 -3.90 10.16 -6.08
N LEU A 174 -4.02 9.22 -6.99
CA LEU A 174 -3.06 9.06 -8.04
C LEU A 174 -3.78 9.34 -9.36
N ASP A 175 -3.26 10.31 -10.12
CA ASP A 175 -3.82 10.59 -11.44
C ASP A 175 -3.17 9.63 -12.46
N GLY A 176 -3.75 9.55 -13.65
CA GLY A 176 -3.29 8.62 -14.71
C GLY A 176 -1.85 8.72 -15.19
N PHE A 177 -1.32 9.94 -15.30
CA PHE A 177 0.09 10.13 -15.73
C PHE A 177 1.04 9.50 -14.72
N ASP A 178 0.79 9.85 -13.45
CA ASP A 178 1.55 9.35 -12.30
C ASP A 178 1.49 7.84 -12.19
N LEU A 181 3.69 6.37 -15.02
CA LEU A 181 5.10 6.54 -14.73
C LEU A 181 5.57 5.58 -13.62
N LEU A 182 4.82 5.48 -12.50
CA LEU A 182 5.25 4.59 -11.43
C LEU A 182 5.27 3.15 -11.89
N GLU A 183 4.25 2.77 -12.66
CA GLU A 183 4.15 1.40 -13.21
C GLU A 183 5.31 1.05 -14.16
N ILE A 184 5.61 2.01 -15.05
CA ILE A 184 6.71 1.92 -16.02
C ILE A 184 8.02 1.87 -15.21
N GLY A 186 8.44 0.86 -12.26
CA GLY A 186 8.51 -0.40 -11.58
C GLY A 186 9.06 -1.47 -12.52
N SER A 187 8.83 -1.29 -13.81
CA SER A 187 9.31 -2.24 -14.83
C SER A 187 10.81 -2.09 -15.06
N SER A 188 11.29 -0.86 -15.11
CA SER A 188 12.69 -0.63 -15.34
C SER A 188 13.12 0.74 -14.83
N ALA A 189 14.04 0.73 -13.85
CA ALA A 189 14.63 1.91 -13.27
C ALA A 189 14.92 2.94 -14.36
N LEU A 190 14.62 4.18 -14.04
CA LEU A 190 14.64 5.30 -14.96
C LEU A 190 15.30 6.57 -14.36
N SER A 191 16.06 7.32 -15.13
CA SER A 191 16.57 8.62 -14.66
C SER A 191 15.59 9.71 -15.10
N PHE A 192 15.67 10.89 -14.48
CA PHE A 192 14.87 12.02 -14.94
C PHE A 192 15.27 12.36 -16.37
N ASP A 193 16.56 12.31 -16.71
CA ASP A 193 16.98 12.66 -18.05
C ASP A 193 16.37 11.74 -19.07
N THR A 194 16.32 10.44 -18.76
CA THR A 194 15.68 9.43 -19.62
C THR A 194 14.16 9.72 -19.67
N LEU A 195 13.52 9.96 -18.53
CA LEU A 195 12.08 10.25 -18.55
C LEU A 195 11.82 11.44 -19.47
N ALA A 196 12.39 12.59 -19.13
CA ALA A 196 12.13 13.82 -19.88
C ALA A 196 12.43 13.70 -21.38
N GLN A 197 13.47 12.96 -21.75
CA GLN A 197 13.80 12.81 -23.17
C GLN A 197 12.80 11.92 -23.93
N THR A 198 12.20 10.95 -23.25
CA THR A 198 11.28 10.02 -23.90
C THR A 198 9.98 10.76 -24.21
N LEU A 199 9.55 11.65 -23.31
CA LEU A 199 8.34 12.44 -23.47
C LEU A 199 8.45 13.61 -24.44
N VAL A 200 9.67 14.02 -24.78
CA VAL A 200 9.88 15.13 -25.71
C VAL A 200 9.05 15.04 -26.99
N GLU A 201 8.88 13.84 -27.53
CA GLU A 201 8.15 13.70 -28.78
C GLU A 201 6.63 13.75 -28.64
N PHE A 202 6.10 13.59 -27.44
CA PHE A 202 4.66 13.62 -27.23
C PHE A 202 4.25 14.88 -26.49
N PRO A 204 4.48 19.56 -26.47
CA PRO A 204 4.71 20.77 -27.28
C PRO A 204 6.19 21.14 -27.36
N LYS A 205 6.58 21.84 -28.43
CA LYS A 205 7.98 22.25 -28.66
C LYS A 205 8.56 23.09 -27.50
N ALA A 206 7.75 23.95 -26.89
CA ALA A 206 8.18 24.78 -25.76
C ALA A 206 8.37 23.85 -24.56
N ASP A 207 9.57 23.88 -23.99
CA ASP A 207 9.94 22.94 -22.95
C ASP A 207 9.68 23.37 -21.52
N ASN A 208 8.71 24.24 -21.29
CA ASN A 208 8.32 24.62 -19.91
C ASN A 208 7.83 23.42 -19.04
N TRP A 209 7.26 22.42 -19.71
CA TRP A 209 6.73 21.23 -19.04
C TRP A 209 7.83 20.48 -18.33
N LYS A 210 9.03 20.40 -18.93
CA LYS A 210 10.22 19.78 -18.28
C LYS A 210 10.47 20.38 -16.89
N ASN A 211 10.26 21.67 -16.71
CA ASN A 211 10.42 22.27 -15.36
C ASN A 211 9.30 21.81 -14.38
N ILE A 212 8.08 21.66 -14.88
CA ILE A 212 6.97 21.22 -14.02
C ILE A 212 7.18 19.77 -13.60
N LEU A 213 7.71 19.00 -14.55
CA LEU A 213 7.94 17.61 -14.37
C LEU A 213 9.03 17.38 -13.34
N LEU A 214 10.13 18.13 -13.48
CA LEU A 214 11.25 18.00 -12.55
C LEU A 214 10.72 18.30 -11.16
N GLY A 215 9.86 19.28 -11.04
CA GLY A 215 9.23 19.61 -9.74
C GLY A 215 8.50 18.40 -9.18
N LYS A 216 7.69 17.76 -10.02
CA LYS A 216 6.94 16.57 -9.59
C LYS A 216 7.89 15.45 -9.16
N TRP A 217 8.91 15.20 -9.99
CA TRP A 217 9.95 14.17 -9.75
C TRP A 217 10.69 14.40 -8.43
N SER A 218 11.10 15.65 -8.20
CA SER A 218 11.78 16.05 -6.95
C SER A 218 10.90 15.84 -5.73
N GLY A 219 9.61 16.07 -5.88
CA GLY A 219 8.64 15.90 -4.79
C GLY A 219 8.48 14.43 -4.42
N TRP A 220 8.57 13.54 -5.42
CA TRP A 220 8.51 12.10 -5.20
C TRP A 220 9.77 11.60 -4.46
N ILE A 221 10.91 12.24 -4.69
CA ILE A 221 12.14 11.92 -3.97
C ILE A 221 12.03 12.37 -2.50
N GLU A 222 11.58 13.60 -2.28
CA GLU A 222 11.39 14.13 -0.90
C GLU A 222 10.41 13.26 -0.06
N GLN A 223 9.29 12.85 -0.67
CA GLN A 223 8.25 12.03 -0.02
C GLN A 223 8.62 10.56 0.06
N ARG A 224 9.75 10.17 -0.54
CA ARG A 224 10.23 8.80 -0.55
C ARG A 224 9.33 7.84 -1.33
N ILE A 225 8.77 8.32 -2.45
CA ILE A 225 7.94 7.49 -3.36
C ILE A 225 8.86 6.78 -4.33
N ILE A 226 9.93 7.46 -4.73
CA ILE A 226 10.95 6.87 -5.59
C ILE A 226 12.26 7.01 -4.83
N ILE A 227 13.15 6.04 -5.06
CA ILE A 227 14.44 6.02 -4.37
C ILE A 227 15.52 5.69 -5.38
N PRO A 228 16.77 6.10 -5.12
CA PRO A 228 17.84 5.73 -6.07
C PRO A 228 17.91 4.21 -6.27
N SER A 229 18.16 3.81 -7.50
CA SER A 229 18.31 2.41 -7.84
C SER A 229 19.78 2.02 -7.76
N LEU A 230 20.17 1.46 -6.63
CA LEU A 230 21.57 1.15 -6.32
C LEU A 230 21.95 -0.31 -6.55
N SER A 231 22.85 -0.53 -7.51
CA SER A 231 23.32 -1.86 -7.87
C SER A 231 24.64 -2.21 -7.18
#